data_8W14
#
_entry.id   8W14
#
_cell.length_a   69.740
_cell.length_b   69.740
_cell.length_c   133.230
_cell.angle_alpha   90.00
_cell.angle_beta   90.00
_cell.angle_gamma   90.00
#
_symmetry.space_group_name_H-M   'P 43 21 2'
#
loop_
_entity.id
_entity.type
_entity.pdbx_description
1 polymer Rhodanese
2 non-polymer GLYCEROL
3 non-polymer 'SULFATE ION'
4 water water
#
_entity_poly.entity_id   1
_entity_poly.type   'polypeptide(L)'
_entity_poly.pdbx_seq_one_letter_code
;GSGNAKLNTETPQSFVSNGSNTSFSAEDILAKAQQYAQEHELNFSGSLSPVDAWQLVQQGEAVLVDVRTNEERKFVGYVP
ESIHVAWATGTSFNRNPRFLKELESKVGKDKTILLLCRSGNRSTQAAEAAFNAGFEHIYNVLEGFEGDLNEQQQRNQKNG
WRIHQLPWQQD
;
_entity_poly.pdbx_strand_id   A,B
#
# COMPACT_ATOMS: atom_id res chain seq x y z
N SER A 14 -16.93 22.00 -1.76
CA SER A 14 -15.49 22.30 -1.59
C SER A 14 -15.25 22.93 -0.20
N PHE A 15 -15.92 24.04 0.09
CA PHE A 15 -15.61 24.77 1.35
C PHE A 15 -15.90 23.96 2.61
N VAL A 16 -17.03 23.23 2.69
CA VAL A 16 -17.33 22.56 3.98
C VAL A 16 -16.26 21.51 4.33
N SER A 17 -15.84 20.71 3.35
CA SER A 17 -14.79 19.70 3.60
C SER A 17 -13.41 20.36 3.77
N ASN A 18 -12.62 19.91 4.74
CA ASN A 18 -11.22 20.41 4.91
C ASN A 18 -10.26 19.38 4.33
N GLY A 19 -10.78 18.33 3.67
CA GLY A 19 -9.93 17.23 3.20
C GLY A 19 -10.14 15.96 4.01
N SER A 20 -9.35 14.92 3.75
CA SER A 20 -9.59 13.60 4.38
C SER A 20 -9.42 13.64 5.90
N ASN A 21 -10.23 12.86 6.62
CA ASN A 21 -10.19 12.81 8.10
C ASN A 21 -9.65 11.44 8.52
N THR A 22 -8.90 11.40 9.62
CA THR A 22 -8.30 10.11 10.07
C THR A 22 -8.50 9.85 11.56
N SER A 23 -8.60 8.57 11.94
CA SER A 23 -8.64 8.21 13.38
C SER A 23 -7.25 7.73 13.82
N PHE A 24 -6.27 7.81 12.92
CA PHE A 24 -4.89 7.30 13.24
C PHE A 24 -3.85 8.39 13.08
N SER A 25 -2.89 8.44 14.00
CA SER A 25 -1.77 9.41 13.90
C SER A 25 -0.46 8.64 13.69
N ALA A 26 0.34 9.02 12.69
CA ALA A 26 1.63 8.35 12.40
C ALA A 26 2.79 9.19 12.91
N GLU A 27 2.51 10.41 13.37
CA GLU A 27 3.64 11.28 13.72
C GLU A 27 4.43 10.82 14.93
N ASP A 28 3.82 10.12 15.88
CA ASP A 28 4.64 9.71 17.01
C ASP A 28 5.57 8.53 16.66
N ILE A 29 5.09 7.58 15.85
CA ILE A 29 5.98 6.52 15.38
C ILE A 29 7.09 7.09 14.51
N LEU A 30 6.74 8.02 13.61
CA LEU A 30 7.76 8.60 12.74
C LEU A 30 8.75 9.46 13.52
N ALA A 31 8.27 10.23 14.49
CA ALA A 31 9.19 11.02 15.32
C ALA A 31 10.16 10.13 16.07
N LYS A 32 9.68 8.99 16.57
CA LYS A 32 10.54 8.05 17.30
C LYS A 32 11.56 7.42 16.36
N ALA A 33 11.13 7.09 15.14
CA ALA A 33 12.06 6.52 14.16
C ALA A 33 13.12 7.54 13.77
N GLN A 34 12.74 8.82 13.63
CA GLN A 34 13.74 9.84 13.31
C GLN A 34 14.69 10.07 14.47
N GLN A 35 14.19 10.00 15.71
CA GLN A 35 15.06 10.09 16.87
C GLN A 35 16.07 8.95 16.87
N TYR A 36 15.65 7.76 16.46
CA TYR A 36 16.57 6.62 16.40
C TYR A 36 17.70 6.91 15.42
N ALA A 37 17.37 7.43 14.23
CA ALA A 37 18.39 7.71 13.23
C ALA A 37 19.37 8.77 13.71
N GLN A 38 18.88 9.77 14.45
CA GLN A 38 19.78 10.89 14.88
C GLN A 38 20.68 10.38 16.01
N GLU A 39 20.11 9.65 16.97
CA GLU A 39 20.88 9.04 18.05
C GLU A 39 21.97 8.11 17.52
N HIS A 40 21.67 7.36 16.45
CA HIS A 40 22.65 6.46 15.85
C HIS A 40 23.41 7.11 14.69
N GLU A 41 23.17 8.40 14.41
CA GLU A 41 23.84 9.12 13.33
C GLU A 41 23.77 8.35 12.00
N LEU A 42 22.58 7.86 11.70
CA LEU A 42 22.33 7.15 10.45
C LEU A 42 22.11 8.11 9.30
N ASN A 43 22.58 7.74 8.12
CA ASN A 43 22.45 8.58 6.94
C ASN A 43 21.20 8.22 6.13
N PHE A 44 20.07 8.26 6.83
CA PHE A 44 18.73 8.18 6.25
C PHE A 44 17.75 8.63 7.34
N SER A 45 16.46 8.55 7.04
CA SER A 45 15.47 9.28 7.85
C SER A 45 15.21 8.64 9.21
N GLY A 46 15.20 7.32 9.30
CA GLY A 46 14.88 6.70 10.58
C GLY A 46 14.89 5.20 10.48
N SER A 47 14.67 4.56 11.63
CA SER A 47 14.57 3.11 11.73
C SER A 47 13.44 2.78 12.68
N LEU A 48 12.76 1.67 12.41
CA LEU A 48 11.64 1.31 13.28
C LEU A 48 11.47 -0.21 13.33
N SER A 49 10.87 -0.65 14.43
CA SER A 49 10.64 -2.07 14.67
C SER A 49 9.66 -2.66 13.65
N PRO A 50 9.70 -3.97 13.44
CA PRO A 50 8.66 -4.60 12.60
C PRO A 50 7.24 -4.26 13.03
N VAL A 51 6.96 -4.26 14.33
CA VAL A 51 5.60 -4.00 14.79
C VAL A 51 5.20 -2.56 14.46
N ASP A 52 6.11 -1.60 14.67
CA ASP A 52 5.78 -0.21 14.36
C ASP A 52 5.65 0.00 12.86
N ALA A 53 6.47 -0.70 12.07
CA ALA A 53 6.36 -0.61 10.62
C ALA A 53 5.00 -1.11 10.15
N TRP A 54 4.56 -2.26 10.68
CA TRP A 54 3.25 -2.78 10.29
C TRP A 54 2.14 -1.82 10.69
N GLN A 55 2.25 -1.19 11.86
CA GLN A 55 1.23 -0.26 12.31
C GLN A 55 1.04 0.88 11.29
N LEU A 56 2.14 1.41 10.76
CA LEU A 56 2.04 2.47 9.77
C LEU A 56 1.46 1.95 8.46
N VAL A 57 1.98 0.82 8.00
CA VAL A 57 1.64 0.29 6.69
C VAL A 57 0.17 -0.11 6.61
N GLN A 58 -0.34 -0.77 7.66
N GLN A 58 -0.34 -0.77 7.66
CA GLN A 58 -1.72 -1.22 7.60
CA GLN A 58 -1.72 -1.22 7.62
C GLN A 58 -2.68 -0.03 7.51
C GLN A 58 -2.69 -0.04 7.53
N GLN A 59 -2.28 1.12 8.03
CA GLN A 59 -3.12 2.32 7.96
C GLN A 59 -2.89 3.14 6.70
N GLY A 60 -2.02 2.68 5.80
CA GLY A 60 -1.75 3.45 4.59
C GLY A 60 -0.92 4.69 4.82
N GLU A 61 -0.12 4.71 5.87
CA GLU A 61 0.67 5.89 6.19
C GLU A 61 2.13 5.74 5.81
N ALA A 62 2.52 4.57 5.27
CA ALA A 62 3.85 4.37 4.73
C ALA A 62 3.79 3.22 3.73
N VAL A 63 4.80 3.16 2.86
CA VAL A 63 4.88 2.15 1.81
C VAL A 63 5.92 1.13 2.24
N LEU A 64 5.52 -0.15 2.33
CA LEU A 64 6.45 -1.21 2.67
C LEU A 64 7.11 -1.71 1.39
N VAL A 65 8.42 -1.53 1.28
CA VAL A 65 9.17 -1.92 0.10
C VAL A 65 10.06 -3.10 0.48
N ASP A 66 9.83 -4.23 -0.17
CA ASP A 66 10.58 -5.47 0.07
C ASP A 66 11.81 -5.44 -0.84
N VAL A 67 13.01 -5.37 -0.26
CA VAL A 67 14.23 -5.28 -1.06
C VAL A 67 14.93 -6.63 -1.21
N ARG A 68 14.29 -7.72 -0.80
CA ARG A 68 14.87 -9.04 -0.93
C ARG A 68 14.83 -9.54 -2.37
N THR A 69 15.44 -10.70 -2.58
CA THR A 69 15.40 -11.35 -3.88
C THR A 69 14.01 -11.90 -4.18
N ASN A 70 13.74 -12.10 -5.47
CA ASN A 70 12.53 -12.81 -5.86
C ASN A 70 12.51 -14.22 -5.27
N GLU A 71 13.69 -14.85 -5.19
CA GLU A 71 13.78 -16.20 -4.65
C GLU A 71 13.30 -16.25 -3.20
N GLU A 72 13.66 -15.24 -2.40
CA GLU A 72 13.18 -15.20 -1.03
C GLU A 72 11.68 -14.99 -0.96
N ARG A 73 11.13 -14.08 -1.76
CA ARG A 73 9.69 -13.88 -1.73
C ARG A 73 8.97 -15.16 -2.12
N LYS A 74 9.52 -15.90 -3.09
CA LYS A 74 8.89 -17.11 -3.58
C LYS A 74 8.94 -18.24 -2.57
N PHE A 75 10.07 -18.43 -1.90
CA PHE A 75 10.25 -19.62 -1.09
C PHE A 75 10.24 -19.38 0.41
N VAL A 76 10.60 -18.18 0.86
CA VAL A 76 10.52 -17.87 2.28
C VAL A 76 9.16 -17.29 2.64
N GLY A 77 8.64 -16.42 1.80
CA GLY A 77 7.38 -15.76 2.03
C GLY A 77 7.53 -14.27 1.91
N TYR A 78 6.40 -13.56 2.07
CA TYR A 78 6.41 -12.11 1.89
C TYR A 78 5.21 -11.52 2.61
N VAL A 79 5.26 -10.20 2.80
CA VAL A 79 4.16 -9.44 3.40
C VAL A 79 3.20 -9.03 2.29
N PRO A 80 1.91 -9.40 2.35
CA PRO A 80 0.98 -8.98 1.30
C PRO A 80 0.96 -7.46 1.16
N GLU A 81 0.83 -7.00 -0.08
CA GLU A 81 0.70 -5.60 -0.46
C GLU A 81 2.02 -4.83 -0.32
N SER A 82 3.13 -5.52 -0.07
CA SER A 82 4.41 -4.85 -0.15
C SER A 82 4.81 -4.71 -1.62
N ILE A 83 5.63 -3.69 -1.88
CA ILE A 83 6.16 -3.42 -3.22
C ILE A 83 7.54 -4.05 -3.31
N HIS A 84 7.80 -4.82 -4.36
CA HIS A 84 9.08 -5.50 -4.50
C HIS A 84 10.02 -4.64 -5.34
N VAL A 85 11.13 -4.22 -4.73
CA VAL A 85 12.20 -3.55 -5.48
C VAL A 85 13.50 -4.17 -4.99
N ALA A 86 14.03 -5.13 -5.75
CA ALA A 86 15.16 -5.93 -5.26
C ALA A 86 16.44 -5.11 -5.17
N TRP A 87 17.08 -5.14 -3.99
CA TRP A 87 18.41 -4.58 -3.83
C TRP A 87 19.45 -5.43 -4.57
N ALA A 88 19.30 -6.74 -4.49
CA ALA A 88 20.17 -7.73 -5.11
C ALA A 88 19.30 -8.91 -5.52
N THR A 89 19.79 -9.69 -6.50
CA THR A 89 19.00 -10.76 -7.08
C THR A 89 19.76 -12.07 -7.07
N GLY A 90 19.01 -13.17 -7.04
CA GLY A 90 19.59 -14.49 -7.17
C GLY A 90 20.22 -15.02 -5.90
N THR A 91 20.60 -16.30 -5.97
CA THR A 91 21.28 -16.97 -4.87
C THR A 91 22.69 -16.43 -4.63
N SER A 92 23.26 -15.65 -5.56
CA SER A 92 24.56 -15.02 -5.36
C SER A 92 24.48 -13.54 -5.00
N PHE A 93 23.26 -13.02 -4.80
CA PHE A 93 23.08 -11.62 -4.39
C PHE A 93 23.76 -10.66 -5.37
N ASN A 94 23.49 -10.84 -6.66
CA ASN A 94 24.01 -9.90 -7.66
C ASN A 94 23.30 -8.57 -7.47
N ARG A 95 24.08 -7.49 -7.30
CA ARG A 95 23.49 -6.17 -7.08
C ARG A 95 22.58 -5.81 -8.25
N ASN A 96 21.45 -5.17 -7.93
CA ASN A 96 20.53 -4.70 -8.95
C ASN A 96 20.88 -3.26 -9.30
N PRO A 97 21.47 -2.99 -10.46
CA PRO A 97 21.84 -1.60 -10.78
C PRO A 97 20.66 -0.71 -11.04
N ARG A 98 19.48 -1.28 -11.21
CA ARG A 98 18.26 -0.47 -11.50
C ARG A 98 17.45 -0.26 -10.22
N PHE A 99 18.02 -0.58 -9.06
CA PHE A 99 17.27 -0.44 -7.81
C PHE A 99 16.69 0.96 -7.67
N LEU A 100 17.51 2.00 -7.87
CA LEU A 100 17.03 3.36 -7.64
C LEU A 100 16.04 3.79 -8.70
N LYS A 101 16.24 3.37 -9.95
CA LYS A 101 15.28 3.68 -11.00
C LYS A 101 13.92 3.06 -10.69
N GLU A 102 13.94 1.80 -10.29
CA GLU A 102 12.71 1.07 -9.97
C GLU A 102 12.04 1.65 -8.73
N LEU A 103 12.81 2.04 -7.71
CA LEU A 103 12.19 2.61 -6.53
C LEU A 103 11.53 3.94 -6.85
N GLU A 104 12.11 4.71 -7.76
CA GLU A 104 11.50 5.99 -8.14
C GLU A 104 10.22 5.77 -8.96
N SER A 105 10.23 4.82 -9.90
CA SER A 105 9.07 4.67 -10.77
C SER A 105 7.93 3.94 -10.06
N LYS A 106 8.23 2.98 -9.19
CA LYS A 106 7.17 2.25 -8.52
C LYS A 106 6.63 2.99 -7.30
N VAL A 107 7.41 3.86 -6.69
CA VAL A 107 6.98 4.49 -5.44
C VAL A 107 7.14 6.00 -5.54
N GLY A 108 8.39 6.47 -5.64
CA GLY A 108 8.63 7.89 -5.77
C GLY A 108 9.41 8.51 -4.62
N LYS A 109 10.22 9.53 -4.92
CA LYS A 109 11.12 10.09 -3.92
C LYS A 109 10.41 10.84 -2.81
N ASP A 110 9.15 11.21 -2.99
CA ASP A 110 8.42 11.98 -2.00
C ASP A 110 7.64 11.12 -0.99
N LYS A 111 7.64 9.80 -1.15
CA LYS A 111 6.83 8.96 -0.28
C LYS A 111 7.58 8.56 0.99
N THR A 112 6.81 8.24 2.03
CA THR A 112 7.35 7.66 3.25
C THR A 112 7.54 6.16 3.02
N ILE A 113 8.81 5.73 2.93
CA ILE A 113 9.18 4.40 2.47
C ILE A 113 9.84 3.64 3.61
N LEU A 114 9.35 2.43 3.90
CA LEU A 114 9.98 1.54 4.87
C LEU A 114 10.61 0.39 4.10
N LEU A 115 11.93 0.24 4.22
CA LEU A 115 12.65 -0.81 3.50
C LEU A 115 12.79 -2.06 4.37
N LEU A 116 12.34 -3.20 3.83
CA LEU A 116 12.35 -4.47 4.54
C LEU A 116 13.24 -5.46 3.81
N CYS A 117 14.23 -6.03 4.50
CA CYS A 117 14.93 -7.17 3.91
C CYS A 117 14.83 -8.37 4.83
N ARG A 118 15.78 -9.31 4.71
CA ARG A 118 15.78 -10.52 5.53
C ARG A 118 16.21 -10.21 6.96
N SER A 119 17.23 -9.37 7.11
CA SER A 119 17.67 -8.86 8.40
C SER A 119 17.59 -7.34 8.36
N GLY A 120 18.50 -6.66 9.04
CA GLY A 120 18.65 -5.24 8.79
C GLY A 120 19.75 -4.87 7.82
N ASN A 121 20.45 -5.86 7.25
N ASN A 121 20.45 -5.87 7.28
CA ASN A 121 21.70 -5.58 6.54
CA ASN A 121 21.69 -5.60 6.55
C ASN A 121 21.46 -5.00 5.15
C ASN A 121 21.41 -4.99 5.18
N ARG A 122 20.79 -5.74 4.27
CA ARG A 122 20.54 -5.24 2.93
C ARG A 122 19.63 -4.01 2.96
N SER A 123 18.68 -3.95 3.90
CA SER A 123 17.82 -2.78 3.93
C SER A 123 18.59 -1.54 4.36
N THR A 124 19.59 -1.70 5.23
CA THR A 124 20.45 -0.58 5.59
C THR A 124 21.23 -0.07 4.39
N GLN A 125 21.81 -0.99 3.61
CA GLN A 125 22.53 -0.61 2.39
C GLN A 125 21.63 0.11 1.41
N ALA A 126 20.42 -0.42 1.20
CA ALA A 126 19.47 0.21 0.30
C ALA A 126 19.03 1.58 0.83
N ALA A 127 18.83 1.68 2.15
CA ALA A 127 18.41 2.96 2.73
C ALA A 127 19.46 4.04 2.54
N GLU A 128 20.74 3.69 2.75
CA GLU A 128 21.80 4.66 2.53
C GLU A 128 21.85 5.08 1.06
N ALA A 129 21.73 4.11 0.14
CA ALA A 129 21.78 4.45 -1.29
C ALA A 129 20.60 5.31 -1.69
N ALA A 130 19.41 4.98 -1.20
CA ALA A 130 18.22 5.73 -1.59
C ALA A 130 18.26 7.15 -1.04
N PHE A 131 18.65 7.32 0.23
CA PHE A 131 18.73 8.64 0.81
C PHE A 131 19.75 9.50 0.07
N ASN A 132 20.91 8.91 -0.26
CA ASN A 132 21.93 9.63 -1.01
C ASN A 132 21.45 10.05 -2.40
N ALA A 133 20.42 9.35 -2.91
CA ALA A 133 19.89 9.62 -4.27
C ALA A 133 18.64 10.50 -4.21
N GLY A 134 18.44 11.25 -3.14
CA GLY A 134 17.29 12.16 -3.08
C GLY A 134 15.98 11.56 -2.60
N PHE A 135 15.98 10.34 -2.06
CA PHE A 135 14.68 9.87 -1.51
C PHE A 135 14.56 10.55 -0.15
N GLU A 136 13.56 11.42 0.02
CA GLU A 136 13.37 12.27 1.23
C GLU A 136 13.03 11.52 2.52
N HIS A 137 12.21 10.48 2.44
CA HIS A 137 11.69 9.83 3.67
C HIS A 137 11.97 8.34 3.60
N ILE A 138 13.21 7.96 3.93
CA ILE A 138 13.61 6.53 3.79
C ILE A 138 13.86 5.96 5.18
N TYR A 139 13.23 4.83 5.48
CA TYR A 139 13.34 4.24 6.83
C TYR A 139 13.76 2.77 6.72
N ASN A 140 14.50 2.31 7.73
CA ASN A 140 14.95 0.90 7.77
C ASN A 140 14.04 0.13 8.72
N VAL A 141 13.55 -1.04 8.29
CA VAL A 141 12.76 -1.85 9.26
C VAL A 141 13.78 -2.71 10.02
N LEU A 142 13.85 -2.52 11.33
CA LEU A 142 14.84 -3.25 12.14
C LEU A 142 14.52 -4.75 12.20
N GLU A 143 15.55 -5.60 12.27
CA GLU A 143 15.37 -7.07 12.42
C GLU A 143 15.15 -7.74 11.06
N GLY A 144 14.34 -7.13 10.20
CA GLY A 144 14.03 -7.73 8.90
C GLY A 144 12.93 -8.76 8.98
N PHE A 145 12.61 -9.40 7.85
CA PHE A 145 11.55 -10.44 7.79
C PHE A 145 11.89 -11.68 8.63
N GLU A 146 13.15 -12.14 8.56
CA GLU A 146 13.50 -13.42 9.24
C GLU A 146 14.34 -13.22 10.51
N GLY A 147 14.99 -12.06 10.63
CA GLY A 147 15.85 -11.86 11.79
C GLY A 147 17.22 -12.49 11.68
N ASP A 148 18.01 -12.41 12.75
CA ASP A 148 19.40 -12.93 12.78
C ASP A 148 19.52 -14.47 12.82
N LEU A 149 20.60 -15.00 12.25
CA LEU A 149 20.89 -16.45 12.37
C LEU A 149 21.29 -16.76 13.81
N ASN A 150 20.83 -17.89 14.36
CA ASN A 150 21.21 -18.33 15.72
C ASN A 150 22.49 -19.19 15.66
N GLU A 151 22.98 -19.66 16.82
CA GLU A 151 24.19 -20.51 16.85
C GLU A 151 23.93 -21.80 16.06
N GLN A 152 22.67 -22.23 16.02
CA GLN A 152 22.29 -23.49 15.32
C GLN A 152 22.18 -23.20 13.81
N GLN A 153 22.54 -21.99 13.39
CA GLN A 153 22.46 -21.64 11.94
C GLN A 153 21.00 -21.66 11.50
N GLN A 154 20.08 -21.23 12.38
CA GLN A 154 18.66 -21.12 11.97
C GLN A 154 18.13 -19.70 12.19
N ARG A 155 17.49 -19.12 11.18
CA ARG A 155 16.83 -17.79 11.31
C ARG A 155 15.42 -17.93 11.90
N ASN A 156 14.81 -16.82 12.33
CA ASN A 156 13.39 -16.82 12.76
C ASN A 156 13.26 -17.32 14.20
N GLN A 157 14.37 -17.57 14.88
CA GLN A 157 14.28 -17.95 16.31
C GLN A 157 14.54 -16.74 17.20
N LYS A 158 15.35 -15.77 16.77
CA LYS A 158 15.72 -14.67 17.70
C LYS A 158 14.87 -13.41 17.50
N ASN A 159 14.68 -12.98 16.26
CA ASN A 159 13.99 -11.69 16.02
C ASN A 159 13.42 -11.69 14.60
N GLY A 160 12.68 -10.64 14.25
CA GLY A 160 12.21 -10.51 12.86
C GLY A 160 10.70 -10.46 12.75
N TRP A 161 10.21 -10.16 11.55
CA TRP A 161 8.76 -9.99 11.35
C TRP A 161 8.01 -11.27 11.67
N ARG A 162 8.52 -12.41 11.22
CA ARG A 162 7.81 -13.71 11.43
C ARG A 162 7.67 -14.09 12.92
N ILE A 163 8.76 -13.96 13.68
CA ILE A 163 8.74 -14.33 15.13
C ILE A 163 7.74 -13.42 15.85
N HIS A 164 7.58 -12.19 15.38
CA HIS A 164 6.64 -11.25 15.99
C HIS A 164 5.21 -11.58 15.55
N GLN A 165 5.02 -12.59 14.70
CA GLN A 165 3.69 -13.04 14.28
C GLN A 165 2.93 -11.94 13.55
N LEU A 166 3.64 -11.14 12.79
CA LEU A 166 3.04 -10.15 11.90
C LEU A 166 2.63 -10.83 10.61
N PRO A 167 1.75 -10.20 9.81
CA PRO A 167 1.17 -10.91 8.66
C PRO A 167 2.20 -11.24 7.60
N TRP A 168 2.10 -12.46 7.07
CA TRP A 168 2.92 -12.88 5.92
C TRP A 168 2.31 -14.15 5.34
N GLN A 169 2.68 -14.46 4.10
CA GLN A 169 2.17 -15.65 3.43
C GLN A 169 3.24 -16.15 2.45
N GLN A 170 3.03 -17.37 1.97
CA GLN A 170 3.89 -17.97 0.95
C GLN A 170 3.02 -18.90 0.10
N ASP A 171 3.64 -19.52 -0.90
CA ASP A 171 2.96 -20.59 -1.62
C ASP A 171 3.71 -21.94 -1.50
N SER B 25 -1.68 -13.32 -14.12
CA SER B 25 -0.73 -12.29 -14.60
C SER B 25 -1.23 -10.90 -14.24
N ALA B 26 -0.51 -10.03 -13.73
CA ALA B 26 -1.03 -8.67 -13.45
C ALA B 26 -1.37 -8.05 -14.80
N GLU B 27 -0.50 -8.26 -15.79
CA GLU B 27 -0.71 -7.65 -17.13
C GLU B 27 -2.02 -8.14 -17.73
N ASP B 28 -2.31 -9.44 -17.56
CA ASP B 28 -3.58 -10.01 -18.07
C ASP B 28 -4.81 -9.44 -17.35
N ILE B 29 -4.69 -9.28 -16.01
CA ILE B 29 -5.84 -8.73 -15.25
C ILE B 29 -6.09 -7.30 -15.70
N LEU B 30 -5.02 -6.52 -15.85
CA LEU B 30 -5.15 -5.11 -16.27
C LEU B 30 -5.74 -5.03 -17.69
N ALA B 31 -5.28 -5.92 -18.57
CA ALA B 31 -5.78 -5.92 -19.96
C ALA B 31 -7.28 -6.22 -19.96
N LYS B 32 -7.70 -7.18 -19.14
CA LYS B 32 -9.14 -7.51 -19.04
C LYS B 32 -9.91 -6.30 -18.50
N ALA B 33 -9.35 -5.62 -17.49
CA ALA B 33 -10.02 -4.44 -16.90
C ALA B 33 -10.13 -3.35 -17.96
N GLN B 34 -9.07 -3.16 -18.75
CA GLN B 34 -9.09 -2.14 -19.82
C GLN B 34 -10.15 -2.54 -20.85
N GLN B 35 -10.23 -3.83 -21.16
CA GLN B 35 -11.26 -4.32 -22.10
C GLN B 35 -12.63 -3.96 -21.54
N TYR B 36 -12.80 -4.12 -20.23
CA TYR B 36 -14.09 -3.83 -19.61
C TYR B 36 -14.46 -2.36 -19.78
N ALA B 37 -13.49 -1.46 -19.59
CA ALA B 37 -13.76 -0.03 -19.74
C ALA B 37 -14.19 0.31 -21.16
N GLN B 38 -13.75 -0.48 -22.15
CA GLN B 38 -14.06 -0.16 -23.53
C GLN B 38 -15.44 -0.68 -23.90
N GLU B 39 -15.85 -1.81 -23.32
CA GLU B 39 -17.21 -2.35 -23.57
C GLU B 39 -18.27 -1.46 -22.90
N HIS B 40 -17.98 -0.87 -21.74
CA HIS B 40 -18.95 -0.08 -21.01
C HIS B 40 -18.77 1.41 -21.21
N GLU B 41 -17.90 1.83 -22.12
CA GLU B 41 -17.71 3.24 -22.45
C GLU B 41 -17.37 4.05 -21.20
N LEU B 42 -16.48 3.51 -20.37
CA LEU B 42 -16.06 4.19 -19.16
C LEU B 42 -14.98 5.23 -19.48
N ASN B 43 -15.04 6.36 -18.78
CA ASN B 43 -14.07 7.44 -18.97
C ASN B 43 -12.93 7.33 -17.96
N PHE B 44 -12.30 6.16 -17.92
CA PHE B 44 -11.08 5.89 -17.16
C PHE B 44 -10.51 4.57 -17.65
N SER B 45 -9.47 4.08 -17.00
CA SER B 45 -8.66 3.03 -17.60
C SER B 45 -9.36 1.66 -17.57
N GLY B 46 -10.11 1.36 -16.53
CA GLY B 46 -10.72 0.05 -16.45
C GLY B 46 -11.47 -0.15 -15.16
N SER B 47 -12.10 -1.31 -15.06
CA SER B 47 -12.81 -1.74 -13.86
C SER B 47 -12.53 -3.22 -13.64
N LEU B 48 -12.46 -3.63 -12.38
CA LEU B 48 -12.14 -5.02 -12.10
C LEU B 48 -12.83 -5.49 -10.83
N SER B 49 -13.06 -6.81 -10.77
CA SER B 49 -13.75 -7.43 -9.65
C SER B 49 -12.95 -7.28 -8.36
N PRO B 50 -13.61 -7.35 -7.18
CA PRO B 50 -12.85 -7.37 -5.93
C PRO B 50 -11.77 -8.44 -5.90
N VAL B 51 -12.05 -9.65 -6.38
CA VAL B 51 -11.06 -10.71 -6.32
C VAL B 51 -9.86 -10.38 -7.21
N ASP B 52 -10.11 -9.82 -8.39
CA ASP B 52 -9.02 -9.45 -9.29
C ASP B 52 -8.23 -8.27 -8.74
N ALA B 53 -8.91 -7.32 -8.10
CA ALA B 53 -8.23 -6.20 -7.45
C ALA B 53 -7.31 -6.70 -6.35
N TRP B 54 -7.81 -7.60 -5.49
CA TRP B 54 -6.97 -8.11 -4.42
C TRP B 54 -5.75 -8.87 -4.96
N GLN B 55 -5.92 -9.64 -6.04
CA GLN B 55 -4.79 -10.37 -6.60
C GLN B 55 -3.66 -9.42 -7.00
N LEU B 56 -4.02 -8.29 -7.63
CA LEU B 56 -3.01 -7.28 -7.98
C LEU B 56 -2.39 -6.65 -6.73
N VAL B 57 -3.24 -6.21 -5.80
CA VAL B 57 -2.77 -5.44 -4.65
C VAL B 57 -1.89 -6.30 -3.75
N GLN B 58 -2.29 -7.57 -3.52
CA GLN B 58 -1.52 -8.48 -2.69
C GLN B 58 -0.08 -8.63 -3.18
N GLN B 59 0.13 -8.57 -4.50
CA GLN B 59 1.43 -8.78 -5.11
C GLN B 59 2.22 -7.49 -5.29
N GLY B 60 1.66 -6.35 -4.86
CA GLY B 60 2.33 -5.07 -5.02
C GLY B 60 2.34 -4.55 -6.43
N GLU B 61 1.36 -4.94 -7.25
CA GLU B 61 1.29 -4.55 -8.65
C GLU B 61 0.28 -3.44 -8.91
N ALA B 62 -0.44 -3.00 -7.88
CA ALA B 62 -1.33 -1.85 -7.97
C ALA B 62 -1.52 -1.29 -6.57
N VAL B 63 -1.98 -0.05 -6.51
CA VAL B 63 -2.20 0.66 -5.26
C VAL B 63 -3.69 0.70 -4.99
N LEU B 64 -4.12 0.18 -3.83
CA LEU B 64 -5.52 0.21 -3.44
C LEU B 64 -5.80 1.51 -2.69
N VAL B 65 -6.66 2.34 -3.26
CA VAL B 65 -6.99 3.65 -2.69
C VAL B 65 -8.45 3.61 -2.24
N ASP B 66 -8.65 3.79 -0.94
CA ASP B 66 -9.97 3.80 -0.31
C ASP B 66 -10.51 5.22 -0.36
N VAL B 67 -11.57 5.45 -1.14
CA VAL B 67 -12.10 6.80 -1.29
C VAL B 67 -13.29 7.06 -0.37
N ARG B 68 -13.57 6.16 0.57
CA ARG B 68 -14.66 6.33 1.52
C ARG B 68 -14.28 7.32 2.62
N THR B 69 -15.25 7.61 3.49
CA THR B 69 -15.04 8.46 4.66
C THR B 69 -14.26 7.75 5.75
N ASN B 70 -13.64 8.55 6.62
CA ASN B 70 -13.03 8.02 7.83
C ASN B 70 -14.07 7.31 8.69
N GLU B 71 -15.29 7.86 8.74
CA GLU B 71 -16.38 7.24 9.48
C GLU B 71 -16.63 5.81 9.03
N GLU B 72 -16.63 5.58 7.71
CA GLU B 72 -16.80 4.22 7.20
C GLU B 72 -15.62 3.33 7.55
N ARG B 73 -14.41 3.84 7.38
CA ARG B 73 -13.25 3.01 7.74
C ARG B 73 -13.27 2.64 9.22
N LYS B 74 -13.70 3.58 10.08
CA LYS B 74 -13.71 3.35 11.52
C LYS B 74 -14.79 2.36 11.94
N PHE B 75 -15.99 2.49 11.39
CA PHE B 75 -17.12 1.71 11.88
C PHE B 75 -17.56 0.57 10.99
N VAL B 76 -17.31 0.64 9.69
CA VAL B 76 -17.62 -0.48 8.80
C VAL B 76 -16.44 -1.41 8.64
N GLY B 77 -15.24 -0.84 8.52
CA GLY B 77 -14.02 -1.61 8.31
C GLY B 77 -13.28 -1.12 7.10
N TYR B 78 -12.11 -1.74 6.87
CA TYR B 78 -11.25 -1.33 5.76
C TYR B 78 -10.31 -2.45 5.39
N VAL B 79 -9.71 -2.32 4.20
CA VAL B 79 -8.71 -3.26 3.72
C VAL B 79 -7.35 -2.81 4.24
N PRO B 80 -6.62 -3.65 4.97
CA PRO B 80 -5.30 -3.24 5.46
C PRO B 80 -4.41 -2.83 4.28
N GLU B 81 -3.59 -1.81 4.53
CA GLU B 81 -2.59 -1.27 3.61
C GLU B 81 -3.20 -0.49 2.45
N SER B 82 -4.51 -0.22 2.48
CA SER B 82 -5.08 0.69 1.50
C SER B 82 -4.77 2.13 1.89
N ILE B 83 -4.70 3.00 0.88
CA ILE B 83 -4.40 4.41 1.08
C ILE B 83 -5.71 5.17 1.13
N HIS B 84 -5.92 5.96 2.19
CA HIS B 84 -7.16 6.70 2.35
C HIS B 84 -7.07 8.05 1.65
N VAL B 85 -7.88 8.23 0.62
CA VAL B 85 -8.02 9.53 -0.04
C VAL B 85 -9.50 9.74 -0.26
N ALA B 86 -10.13 10.49 0.65
CA ALA B 86 -11.60 10.59 0.64
C ALA B 86 -12.11 11.39 -0.57
N TRP B 87 -13.05 10.80 -1.30
CA TRP B 87 -13.78 11.55 -2.33
C TRP B 87 -14.68 12.58 -1.70
N ALA B 88 -15.32 12.22 -0.59
CA ALA B 88 -16.22 13.09 0.14
C ALA B 88 -16.08 12.73 1.61
N THR B 89 -16.40 13.68 2.48
CA THR B 89 -16.15 13.54 3.90
C THR B 89 -17.42 13.74 4.72
N GLY B 90 -17.42 13.17 5.92
CA GLY B 90 -18.51 13.32 6.85
C GLY B 90 -19.68 12.42 6.52
N THR B 91 -20.65 12.38 7.44
CA THR B 91 -21.87 11.60 7.18
C THR B 91 -22.69 12.20 6.06
N SER B 92 -22.40 13.46 5.73
CA SER B 92 -23.15 14.19 4.67
C SER B 92 -22.48 14.07 3.30
N PHE B 93 -21.35 13.37 3.21
CA PHE B 93 -20.62 13.23 1.94
C PHE B 93 -20.30 14.61 1.35
N ASN B 94 -19.68 15.46 2.15
CA ASN B 94 -19.23 16.76 1.69
C ASN B 94 -18.08 16.56 0.69
N ARG B 95 -18.24 17.05 -0.54
CA ARG B 95 -17.20 16.84 -1.54
C ARG B 95 -15.86 17.35 -1.04
N ASN B 96 -14.81 16.55 -1.23
CA ASN B 96 -13.47 16.87 -0.73
C ASN B 96 -12.74 17.70 -1.78
N PRO B 97 -12.51 18.99 -1.56
CA PRO B 97 -11.84 19.79 -2.59
C PRO B 97 -10.39 19.43 -2.79
N ARG B 98 -9.79 18.72 -1.84
CA ARG B 98 -8.39 18.35 -1.92
C ARG B 98 -8.18 16.94 -2.44
N PHE B 99 -9.23 16.30 -2.97
CA PHE B 99 -9.10 14.90 -3.39
C PHE B 99 -7.97 14.70 -4.39
N LEU B 100 -7.94 15.53 -5.45
CA LEU B 100 -6.95 15.29 -6.50
C LEU B 100 -5.56 15.64 -6.02
N LYS B 101 -5.43 16.68 -5.19
CA LYS B 101 -4.13 17.02 -4.62
C LYS B 101 -3.63 15.89 -3.72
N GLU B 102 -4.52 15.33 -2.89
CA GLU B 102 -4.11 14.23 -2.00
C GLU B 102 -3.74 13.00 -2.82
N LEU B 103 -4.51 12.70 -3.87
CA LEU B 103 -4.20 11.53 -4.66
C LEU B 103 -2.84 11.66 -5.34
N GLU B 104 -2.49 12.88 -5.76
CA GLU B 104 -1.21 13.08 -6.41
C GLU B 104 -0.06 12.99 -5.41
N SER B 105 -0.22 13.60 -4.23
N SER B 105 -0.22 13.60 -4.23
CA SER B 105 0.86 13.63 -3.25
CA SER B 105 0.88 13.61 -3.26
C SER B 105 1.05 12.27 -2.58
C SER B 105 1.07 12.25 -2.60
N LYS B 106 -0.03 11.57 -2.27
CA LYS B 106 0.05 10.30 -1.56
C LYS B 106 0.40 9.13 -2.48
N VAL B 107 0.09 9.24 -3.78
CA VAL B 107 0.28 8.11 -4.69
C VAL B 107 1.02 8.57 -5.94
N GLY B 108 0.38 9.42 -6.74
CA GLY B 108 1.03 9.95 -7.93
C GLY B 108 0.35 9.56 -9.23
N LYS B 109 0.41 10.46 -10.22
CA LYS B 109 -0.31 10.26 -11.47
C LYS B 109 0.21 9.09 -12.30
N ASP B 110 1.42 8.61 -12.04
CA ASP B 110 2.00 7.54 -12.85
C ASP B 110 1.72 6.14 -12.33
N LYS B 111 1.05 5.99 -11.19
CA LYS B 111 0.85 4.67 -10.59
C LYS B 111 -0.42 4.00 -11.13
N THR B 112 -0.44 2.68 -11.04
CA THR B 112 -1.65 1.90 -11.31
C THR B 112 -2.52 1.94 -10.06
N ILE B 113 -3.66 2.64 -10.13
CA ILE B 113 -4.48 2.95 -8.96
C ILE B 113 -5.83 2.25 -9.08
N LEU B 114 -6.23 1.53 -8.03
CA LEU B 114 -7.56 0.93 -7.96
C LEU B 114 -8.36 1.68 -6.90
N LEU B 115 -9.45 2.32 -7.32
CA LEU B 115 -10.27 3.10 -6.40
C LEU B 115 -11.38 2.24 -5.83
N LEU B 116 -11.46 2.20 -4.50
CA LEU B 116 -12.44 1.38 -3.79
C LEU B 116 -13.36 2.29 -2.99
N CYS B 117 -14.67 2.17 -3.22
CA CYS B 117 -15.61 2.81 -2.31
C CYS B 117 -16.55 1.78 -1.70
N ARG B 118 -17.71 2.23 -1.22
CA ARG B 118 -18.66 1.35 -0.59
C ARG B 118 -19.36 0.47 -1.63
N SER B 119 -19.74 1.05 -2.77
CA SER B 119 -20.50 0.31 -3.78
C SER B 119 -20.07 0.51 -5.22
N GLY B 120 -19.17 1.43 -5.52
CA GLY B 120 -18.81 1.71 -6.90
C GLY B 120 -19.32 3.03 -7.42
N ASN B 121 -20.29 3.65 -6.73
CA ASN B 121 -20.80 4.95 -7.13
C ASN B 121 -19.75 6.04 -6.91
N ARG B 122 -19.31 6.23 -5.66
CA ARG B 122 -18.31 7.27 -5.42
C ARG B 122 -16.98 6.96 -6.10
N SER B 123 -16.61 5.68 -6.21
CA SER B 123 -15.34 5.38 -6.86
C SER B 123 -15.41 5.65 -8.37
N THR B 124 -16.59 5.48 -8.97
CA THR B 124 -16.75 5.84 -10.37
C THR B 124 -16.57 7.35 -10.57
N GLN B 125 -17.21 8.15 -9.71
CA GLN B 125 -17.04 9.60 -9.81
C GLN B 125 -15.58 9.99 -9.60
N ALA B 126 -14.93 9.38 -8.59
CA ALA B 126 -13.53 9.66 -8.34
C ALA B 126 -12.66 9.23 -9.50
N ALA B 127 -12.98 8.08 -10.12
CA ALA B 127 -12.18 7.60 -11.24
C ALA B 127 -12.28 8.56 -12.42
N GLU B 128 -13.48 9.03 -12.73
CA GLU B 128 -13.65 10.00 -13.81
C GLU B 128 -12.89 11.29 -13.53
N ALA B 129 -12.97 11.79 -12.29
CA ALA B 129 -12.28 13.03 -11.95
C ALA B 129 -10.76 12.86 -12.08
N ALA B 130 -10.23 11.75 -11.58
CA ALA B 130 -8.79 11.55 -11.61
C ALA B 130 -8.29 11.37 -13.03
N PHE B 131 -9.01 10.59 -13.84
CA PHE B 131 -8.59 10.39 -15.23
C PHE B 131 -8.62 11.71 -16.00
N ASN B 132 -9.61 12.54 -15.72
CA ASN B 132 -9.72 13.85 -16.40
C ASN B 132 -8.59 14.77 -15.92
N ALA B 133 -8.07 14.52 -14.72
CA ALA B 133 -7.04 15.42 -14.14
C ALA B 133 -5.63 15.00 -14.56
N GLY B 134 -5.50 13.90 -15.30
CA GLY B 134 -4.16 13.50 -15.80
C GLY B 134 -3.62 12.28 -15.08
N PHE B 135 -4.47 11.55 -14.35
CA PHE B 135 -3.95 10.30 -13.75
C PHE B 135 -3.97 9.25 -14.86
N GLU B 136 -2.80 8.72 -15.21
CA GLU B 136 -2.65 7.78 -16.35
C GLU B 136 -3.35 6.43 -16.20
N HIS B 137 -3.32 5.84 -15.00
CA HIS B 137 -3.82 4.45 -14.85
C HIS B 137 -4.84 4.37 -13.72
N ILE B 138 -6.08 4.75 -14.02
CA ILE B 138 -7.12 4.82 -12.95
C ILE B 138 -8.15 3.71 -13.17
N TYR B 139 -8.41 2.92 -12.12
CA TYR B 139 -9.34 1.78 -12.24
C TYR B 139 -10.37 1.84 -11.12
N ASN B 140 -11.54 1.26 -11.37
CA ASN B 140 -12.64 1.25 -10.37
C ASN B 140 -12.81 -0.18 -9.88
N VAL B 141 -12.91 -0.40 -8.57
CA VAL B 141 -13.18 -1.79 -8.09
C VAL B 141 -14.68 -2.00 -8.14
N LEU B 142 -15.11 -3.01 -8.88
CA LEU B 142 -16.57 -3.26 -9.03
C LEU B 142 -17.19 -3.76 -7.73
N GLU B 143 -18.36 -3.24 -7.37
CA GLU B 143 -19.20 -3.74 -6.23
C GLU B 143 -18.80 -3.09 -4.92
N GLY B 144 -17.63 -2.44 -4.88
CA GLY B 144 -17.26 -1.69 -3.66
C GLY B 144 -16.89 -2.60 -2.50
N PHE B 145 -16.60 -2.01 -1.33
CA PHE B 145 -16.37 -2.81 -0.10
C PHE B 145 -17.62 -3.54 0.39
N GLU B 146 -18.78 -2.87 0.35
CA GLU B 146 -20.01 -3.48 0.95
C GLU B 146 -21.03 -3.95 -0.09
N GLY B 147 -20.93 -3.45 -1.31
CA GLY B 147 -21.87 -3.88 -2.35
C GLY B 147 -23.20 -3.15 -2.29
N ASP B 148 -24.13 -3.55 -3.16
CA ASP B 148 -25.46 -2.90 -3.28
C ASP B 148 -26.42 -3.25 -2.15
N LEU B 149 -27.37 -2.35 -1.88
CA LEU B 149 -28.45 -2.64 -0.90
C LEU B 149 -29.39 -3.72 -1.44
N ASN B 150 -29.86 -4.62 -0.59
CA ASN B 150 -30.88 -5.63 -0.96
C ASN B 150 -32.28 -5.04 -0.76
N GLU B 151 -33.32 -5.84 -0.99
CA GLU B 151 -34.72 -5.35 -0.87
C GLU B 151 -35.00 -4.98 0.58
N GLN B 152 -34.28 -5.61 1.53
CA GLN B 152 -34.43 -5.27 2.96
C GLN B 152 -33.54 -4.05 3.29
N GLN B 153 -32.99 -3.38 2.29
CA GLN B 153 -32.18 -2.16 2.55
C GLN B 153 -30.95 -2.54 3.37
N GLN B 154 -30.45 -3.78 3.22
CA GLN B 154 -29.19 -4.15 3.89
C GLN B 154 -28.08 -4.36 2.86
N ARG B 155 -26.87 -3.85 3.10
CA ARG B 155 -25.72 -4.11 2.24
C ARG B 155 -25.02 -5.39 2.70
N ASN B 156 -23.98 -5.79 1.96
CA ASN B 156 -23.14 -6.94 2.27
C ASN B 156 -23.89 -8.26 2.19
N GLN B 157 -25.04 -8.28 1.50
CA GLN B 157 -25.79 -9.52 1.30
C GLN B 157 -25.80 -10.03 -0.13
N LYS B 158 -25.43 -9.20 -1.11
CA LYS B 158 -25.42 -9.59 -2.52
C LYS B 158 -24.04 -9.66 -3.13
N ASN B 159 -23.23 -8.61 -2.94
CA ASN B 159 -21.93 -8.52 -3.60
C ASN B 159 -21.02 -7.63 -2.76
N GLY B 160 -19.82 -7.40 -3.25
CA GLY B 160 -18.86 -6.55 -2.58
C GLY B 160 -17.69 -7.34 -2.00
N TRP B 161 -16.67 -6.57 -1.60
CA TRP B 161 -15.42 -7.11 -1.05
C TRP B 161 -15.68 -8.10 0.08
N ARG B 162 -16.51 -7.69 1.04
CA ARG B 162 -16.70 -8.52 2.26
C ARG B 162 -17.44 -9.83 1.94
N ILE B 163 -18.48 -9.80 1.12
CA ILE B 163 -19.19 -11.06 0.82
C ILE B 163 -18.27 -12.03 0.09
N HIS B 164 -17.27 -11.53 -0.65
CA HIS B 164 -16.28 -12.40 -1.28
C HIS B 164 -15.23 -12.90 -0.30
N GLN B 165 -15.29 -12.48 0.96
CA GLN B 165 -14.40 -12.97 2.02
C GLN B 165 -12.94 -12.63 1.71
N LEU B 166 -12.74 -11.46 1.11
CA LEU B 166 -11.41 -10.91 0.91
C LEU B 166 -10.95 -10.22 2.20
N PRO B 167 -9.65 -9.95 2.34
CA PRO B 167 -9.15 -9.48 3.65
C PRO B 167 -9.71 -8.12 4.01
N TRP B 168 -10.12 -7.98 5.27
CA TRP B 168 -10.55 -6.69 5.81
C TRP B 168 -10.56 -6.81 7.32
N GLN B 169 -10.56 -5.66 7.97
CA GLN B 169 -10.54 -5.60 9.42
C GLN B 169 -11.30 -4.36 9.86
N GLN B 170 -11.67 -4.33 11.14
CA GLN B 170 -12.31 -3.17 11.72
C GLN B 170 -11.87 -3.09 13.16
N ASP B 171 -12.36 -2.07 13.88
CA ASP B 171 -12.09 -2.03 15.35
C ASP B 171 -13.41 -2.07 16.13
#